data_3KRN
#
_entry.id   3KRN
#
_cell.length_a   61.954
_cell.length_b   44.837
_cell.length_c   65.507
_cell.angle_alpha   90.00
_cell.angle_beta   100.65
_cell.angle_gamma   90.00
#
_symmetry.space_group_name_H-M   'P 1 21 1'
#
_entity_poly.entity_id   1
_entity_poly.type   'polypeptide(L)'
_entity_poly.pdbx_seq_one_letter_code
;MAGRLREMRCELSFLKNADGSACFSQGATCIWASCSGPGDVHASKASDEAMTLDISYRANCGDNKFNVLNNIIHSTLSNA
INLELFPHTTISVTVHGIQDDGSMGAVAINGACFALLDNGMPFETVFCGVLIVRVKDELIIDPTAKQEAASTGRVLFSVC
KGSDGHPEVCAMDAIGHWDFIQLEAAWSLAQPSASAIFDFYKTVMKRKLSVDEQLEHHHHHH
;
_entity_poly.pdbx_strand_id   A,B
#
# COMPACT_ATOMS: atom_id res chain seq x y z
N GLY A 3 9.36 5.83 21.80
CA GLY A 3 9.48 4.45 21.35
C GLY A 3 10.55 4.29 20.29
N ARG A 4 10.78 3.05 19.88
CA ARG A 4 11.77 2.74 18.85
C ARG A 4 11.85 1.24 18.58
N LEU A 5 12.91 0.82 17.91
CA LEU A 5 13.10 -0.55 17.51
C LEU A 5 13.35 -1.40 18.72
N ARG A 6 13.48 -2.69 18.54
CA ARG A 6 13.56 -3.60 19.66
C ARG A 6 14.52 -4.76 19.42
N GLU A 7 14.54 -5.70 20.36
CA GLU A 7 15.33 -6.92 20.22
C GLU A 7 15.09 -7.55 18.86
N MET A 8 16.03 -8.35 18.39
CA MET A 8 15.88 -9.01 17.09
C MET A 8 16.36 -10.46 17.11
N ARG A 9 15.42 -11.37 16.85
CA ARG A 9 15.69 -12.79 16.82
C ARG A 9 15.61 -13.32 15.40
N CYS A 10 16.77 -13.58 14.80
CA CYS A 10 16.84 -14.04 13.42
C CYS A 10 17.80 -15.22 13.25
N GLU A 11 17.24 -16.40 12.99
CA GLU A 11 18.06 -17.56 12.65
C GLU A 11 17.92 -17.90 11.17
N LEU A 12 18.79 -18.77 10.68
CA LEU A 12 18.69 -19.27 9.31
C LEU A 12 18.73 -20.80 9.34
N SER A 13 18.84 -21.36 10.54
CA SER A 13 18.98 -22.80 10.74
C SER A 13 17.64 -23.51 10.74
N PHE A 14 16.57 -22.79 10.42
CA PHE A 14 15.21 -23.30 10.59
C PHE A 14 14.89 -24.57 9.83
N LEU A 15 15.32 -24.62 8.56
CA LEU A 15 14.93 -25.72 7.68
C LEU A 15 14.65 -26.99 8.47
N GLY A 20 17.22 -23.44 2.62
CA GLY A 20 17.02 -22.03 2.92
C GLY A 20 15.78 -21.76 3.75
N SER A 21 15.97 -21.13 4.91
CA SER A 21 14.85 -20.78 5.78
C SER A 21 15.23 -19.68 6.79
N ALA A 22 14.31 -18.75 7.02
CA ALA A 22 14.52 -17.70 8.01
C ALA A 22 13.24 -17.35 8.76
N CYS A 23 13.41 -16.81 9.96
CA CYS A 23 12.28 -16.48 10.82
C CYS A 23 12.63 -15.30 11.71
N PHE A 24 12.21 -14.12 11.29
CA PHE A 24 12.58 -12.89 11.98
C PHE A 24 11.79 -12.75 13.27
N SER A 25 12.18 -11.79 14.09
CA SER A 25 11.48 -11.55 15.36
C SER A 25 11.96 -10.26 15.99
N GLN A 26 11.20 -9.19 15.77
CA GLN A 26 11.48 -7.93 16.44
C GLN A 26 10.95 -7.99 17.85
N GLY A 27 11.83 -8.32 18.80
CA GLY A 27 11.50 -8.35 20.21
C GLY A 27 10.20 -9.07 20.51
N ALA A 28 9.10 -8.33 20.47
CA ALA A 28 7.79 -8.88 20.79
C ALA A 28 7.13 -9.55 19.58
N THR A 29 7.46 -9.08 18.39
CA THR A 29 6.91 -9.65 17.17
C THR A 29 7.82 -10.72 16.60
N CYS A 30 7.28 -11.59 15.75
CA CYS A 30 8.06 -12.70 15.19
C CYS A 30 7.37 -13.36 13.98
N ILE A 31 8.16 -13.77 13.01
CA ILE A 31 7.65 -14.49 11.84
C ILE A 31 8.50 -15.72 11.56
N TRP A 32 8.03 -16.54 10.62
CA TRP A 32 8.76 -17.72 10.16
C TRP A 32 8.57 -17.83 8.65
N ALA A 33 9.61 -17.48 7.89
CA ALA A 33 9.48 -17.34 6.45
C ALA A 33 10.05 -18.50 5.64
N SER A 34 10.00 -18.36 4.32
CA SER A 34 10.52 -19.35 3.38
C SER A 34 10.68 -18.69 2.02
N CYS A 35 11.02 -19.48 0.99
CA CYS A 35 11.23 -18.94 -0.34
C CYS A 35 11.57 -20.02 -1.37
N SER A 36 11.75 -19.59 -2.61
CA SER A 36 12.23 -20.47 -3.68
C SER A 36 13.21 -19.70 -4.56
N GLY A 37 14.22 -20.40 -5.08
CA GLY A 37 15.26 -19.76 -5.87
C GLY A 37 14.93 -19.64 -7.34
N PRO A 38 14.92 -20.79 -8.05
CA PRO A 38 14.54 -20.85 -9.46
C PRO A 38 13.03 -20.88 -9.63
N GLY A 39 12.39 -21.92 -9.10
CA GLY A 39 10.95 -22.07 -9.19
C GLY A 39 10.52 -22.90 -10.39
N ASP A 40 11.31 -22.84 -11.45
CA ASP A 40 11.00 -23.59 -12.67
C ASP A 40 11.93 -24.80 -12.82
N ASP A 54 -8.14 -16.55 2.06
CA ASP A 54 -9.01 -16.23 3.19
C ASP A 54 -8.67 -14.86 3.77
N ILE A 55 -7.88 -14.86 4.84
CA ILE A 55 -7.39 -13.64 5.45
C ILE A 55 -6.34 -13.00 4.55
N SER A 56 -6.15 -13.58 3.37
CA SER A 56 -5.17 -13.10 2.40
C SER A 56 -3.75 -13.40 2.85
N TYR A 57 -2.83 -12.47 2.64
CA TYR A 57 -1.42 -12.78 2.84
C TYR A 57 -0.65 -11.82 3.73
N ARG A 58 0.50 -12.28 4.21
CA ARG A 58 1.47 -11.45 4.92
C ARG A 58 0.96 -10.71 6.16
N ALA A 59 0.39 -11.43 7.13
CA ALA A 59 0.18 -12.88 7.08
C ALA A 59 -0.72 -13.32 8.22
N ASN A 60 -0.77 -14.64 8.44
CA ASN A 60 -1.60 -15.23 9.48
C ASN A 60 -0.91 -15.26 10.84
N CYS A 61 -1.69 -15.28 11.92
CA CYS A 61 -1.15 -15.33 13.28
C CYS A 61 -1.78 -16.49 14.04
N GLY A 62 -1.28 -16.76 15.23
CA GLY A 62 -1.81 -17.84 16.06
C GLY A 62 -2.32 -17.33 17.39
N LYS A 65 -11.30 -9.71 -2.69
CA LYS A 65 -11.43 -9.82 -4.15
C LYS A 65 -10.59 -8.77 -4.85
N PHE A 66 -10.09 -7.79 -4.08
CA PHE A 66 -9.29 -6.72 -4.65
C PHE A 66 -7.79 -6.96 -4.49
N ASN A 67 -7.00 -6.21 -5.27
CA ASN A 67 -5.54 -6.28 -5.24
C ASN A 67 -4.96 -7.68 -5.01
N VAL A 68 -3.75 -7.70 -4.44
CA VAL A 68 -3.01 -8.94 -4.25
C VAL A 68 -2.32 -8.92 -2.90
N LEU A 69 -3.05 -8.47 -1.87
CA LEU A 69 -2.42 -8.18 -0.60
C LEU A 69 -1.27 -7.25 -0.94
N ASN A 70 -1.62 -6.01 -1.22
CA ASN A 70 -0.71 -5.05 -1.84
C ASN A 70 0.75 -5.16 -1.38
N ASN A 71 0.95 -5.30 -0.07
CA ASN A 71 2.30 -5.27 0.50
C ASN A 71 3.33 -6.07 -0.29
N ILE A 72 2.88 -7.07 -1.03
CA ILE A 72 3.79 -7.90 -1.82
C ILE A 72 4.62 -7.05 -2.80
N ILE A 73 4.18 -5.82 -3.03
CA ILE A 73 4.90 -4.92 -3.92
C ILE A 73 6.21 -4.44 -3.27
N HIS A 74 6.24 -4.40 -1.94
CA HIS A 74 7.46 -4.06 -1.23
C HIS A 74 8.51 -5.14 -1.47
N SER A 75 8.02 -6.34 -1.75
CA SER A 75 8.90 -7.47 -2.07
C SER A 75 9.42 -7.33 -3.49
N THR A 76 8.55 -6.93 -4.40
CA THR A 76 8.90 -6.77 -5.81
C THR A 76 9.42 -5.36 -6.08
N ASN A 79 17.42 -2.95 -11.46
CA ASN A 79 18.40 -3.17 -10.40
C ASN A 79 17.76 -3.62 -9.08
N ALA A 80 17.22 -4.82 -9.06
CA ALA A 80 17.21 -5.65 -10.24
C ALA A 80 16.15 -6.70 -10.00
N ILE A 81 15.74 -7.42 -11.04
CA ILE A 81 14.76 -8.45 -10.78
C ILE A 81 15.42 -9.78 -10.96
N ASN A 82 15.44 -10.54 -9.91
CA ASN A 82 15.83 -11.90 -9.96
C ASN A 82 17.18 -12.13 -10.53
N LEU A 83 18.15 -11.26 -10.29
CA LEU A 83 17.95 -9.95 -9.68
C LEU A 83 18.39 -8.96 -10.74
N THR A 89 8.91 -14.75 -11.75
CA THR A 89 10.17 -15.47 -11.62
C THR A 89 9.92 -16.81 -10.97
N THR A 90 8.64 -17.15 -10.83
CA THR A 90 8.22 -18.38 -10.18
C THR A 90 8.88 -18.54 -8.81
N ILE A 91 8.91 -17.45 -8.05
CA ILE A 91 9.53 -17.46 -6.73
C ILE A 91 8.50 -17.46 -5.60
N SER A 92 8.61 -18.44 -4.71
CA SER A 92 7.72 -18.54 -3.57
C SER A 92 8.23 -17.71 -2.41
N VAL A 93 7.35 -17.40 -1.47
CA VAL A 93 7.72 -16.62 -0.29
C VAL A 93 6.71 -16.86 0.83
N THR A 94 6.53 -18.12 1.19
CA THR A 94 5.59 -18.49 2.25
C THR A 94 6.05 -17.91 3.59
N VAL A 95 5.37 -16.86 4.03
CA VAL A 95 5.72 -16.19 5.27
C VAL A 95 4.57 -16.22 6.27
N HIS A 96 4.92 -16.40 7.54
CA HIS A 96 3.92 -16.46 8.62
C HIS A 96 4.52 -15.96 9.92
N GLY A 97 3.67 -15.62 10.88
CA GLY A 97 4.13 -15.17 12.19
C GLY A 97 3.09 -15.35 13.27
N ILE A 98 3.30 -16.34 14.14
CA ILE A 98 2.39 -16.60 15.25
C ILE A 98 2.53 -15.53 16.34
N GLN A 99 3.72 -14.95 16.44
CA GLN A 99 4.00 -13.93 17.45
C GLN A 99 3.73 -12.54 16.87
N ASP A 100 2.53 -12.34 16.34
CA ASP A 100 2.15 -11.06 15.76
C ASP A 100 1.86 -10.00 16.81
N ASP A 101 2.91 -9.52 17.47
CA ASP A 101 2.78 -8.41 18.40
C ASP A 101 2.67 -7.11 17.61
N GLY A 102 1.52 -6.91 16.98
CA GLY A 102 1.32 -5.77 16.11
C GLY A 102 2.42 -5.68 15.09
N SER A 103 2.60 -4.51 14.50
CA SER A 103 3.70 -4.25 13.56
C SER A 103 3.88 -5.41 12.58
N MET A 104 2.78 -6.08 12.24
CA MET A 104 2.82 -7.23 11.36
C MET A 104 3.46 -6.92 10.01
N GLY A 105 3.19 -5.73 9.49
CA GLY A 105 3.73 -5.33 8.20
C GLY A 105 5.25 -5.26 8.18
N ALA A 106 5.82 -4.51 9.12
CA ALA A 106 7.26 -4.32 9.20
C ALA A 106 8.03 -5.63 9.36
N VAL A 107 7.61 -6.46 10.31
CA VAL A 107 8.27 -7.74 10.56
C VAL A 107 8.08 -8.70 9.40
N ALA A 108 6.87 -8.73 8.84
CA ALA A 108 6.57 -9.63 7.72
C ALA A 108 7.43 -9.35 6.50
N ILE A 109 8.08 -8.18 6.47
CA ILE A 109 8.98 -7.83 5.37
C ILE A 109 10.44 -7.83 5.82
N ASN A 110 10.68 -7.46 7.07
CA ASN A 110 12.04 -7.50 7.63
C ASN A 110 12.66 -8.88 7.49
N GLY A 111 11.93 -9.88 7.98
CA GLY A 111 12.39 -11.26 7.90
C GLY A 111 12.28 -11.82 6.50
N ALA A 112 11.32 -11.33 5.73
CA ALA A 112 11.17 -11.73 4.33
C ALA A 112 12.44 -11.41 3.57
N CYS A 113 13.33 -10.65 4.20
CA CYS A 113 14.59 -10.27 3.60
C CYS A 113 15.69 -11.27 3.92
N PHE A 114 15.54 -11.96 5.05
CA PHE A 114 16.52 -12.97 5.47
C PHE A 114 16.19 -14.33 4.89
N ALA A 115 14.90 -14.58 4.66
CA ALA A 115 14.45 -15.86 4.12
C ALA A 115 15.25 -16.27 2.90
N LEU A 116 15.40 -15.34 1.96
CA LEU A 116 16.14 -15.60 0.73
C LEU A 116 17.60 -15.18 0.88
N LEU A 117 17.95 -14.64 2.04
CA LEU A 117 19.33 -14.27 2.34
C LEU A 117 20.16 -15.55 2.46
N ASP A 118 19.50 -16.65 2.83
CA ASP A 118 20.15 -17.95 2.82
C ASP A 118 20.58 -18.27 1.39
N ASN A 119 19.67 -18.10 0.44
CA ASN A 119 20.00 -18.21 -0.97
C ASN A 119 21.08 -17.20 -1.33
N GLY A 120 21.08 -16.09 -0.60
CA GLY A 120 22.19 -15.15 -0.64
C GLY A 120 22.17 -14.10 -1.73
N MET A 121 20.99 -13.60 -2.08
CA MET A 121 20.92 -12.45 -2.96
C MET A 121 21.68 -11.30 -2.29
N PRO A 122 22.89 -11.01 -2.80
CA PRO A 122 23.83 -10.08 -2.15
C PRO A 122 23.19 -8.73 -1.83
N PHE A 123 23.73 -8.06 -0.81
CA PHE A 123 23.32 -6.71 -0.46
C PHE A 123 23.15 -5.88 -1.73
N GLU A 124 21.93 -5.47 -2.01
CA GLU A 124 21.64 -4.65 -3.19
C GLU A 124 20.18 -4.26 -3.22
N THR A 125 19.31 -5.26 -3.31
CA THR A 125 17.87 -5.01 -3.35
C THR A 125 17.18 -5.68 -2.15
N VAL A 126 17.92 -5.85 -1.06
CA VAL A 126 17.32 -6.30 0.18
C VAL A 126 16.32 -5.22 0.63
N PHE A 127 15.86 -5.25 1.87
CA PHE A 127 14.94 -4.21 2.37
C PHE A 127 14.65 -4.28 3.87
N CYS A 128 13.79 -3.38 4.32
CA CYS A 128 13.36 -3.33 5.72
C CYS A 128 11.97 -4.02 5.89
N GLY A 129 10.89 -3.30 6.18
CA GLY A 129 10.82 -1.87 6.35
C GLY A 129 10.19 -1.50 7.68
N VAL A 130 10.43 -0.27 8.14
CA VAL A 130 9.90 0.18 9.43
C VAL A 130 8.53 0.82 9.30
N LEU A 131 7.61 0.42 10.17
CA LEU A 131 6.26 1.01 10.13
C LEU A 131 6.02 1.91 11.35
N ILE A 132 6.58 3.11 11.30
CA ILE A 132 6.32 4.11 12.32
C ILE A 132 4.88 4.54 12.23
N VAL A 133 4.23 4.74 13.37
CA VAL A 133 2.83 5.16 13.37
C VAL A 133 2.63 6.42 14.20
N ARG A 134 1.63 7.22 13.81
CA ARG A 134 1.36 8.49 14.49
C ARG A 134 0.41 8.29 15.68
N VAL A 135 0.79 8.85 16.82
CA VAL A 135 -0.04 8.79 18.02
C VAL A 135 -0.28 10.17 18.60
N LYS A 136 -1.52 10.63 18.53
CA LYS A 136 -1.89 11.96 19.03
C LYS A 136 -0.90 13.02 18.60
N ASP A 137 -0.13 13.54 19.56
CA ASP A 137 0.89 14.53 19.26
C ASP A 137 2.28 13.89 19.24
N GLU A 138 3.18 14.48 18.47
CA GLU A 138 4.53 13.93 18.31
C GLU A 138 4.49 12.50 17.78
N LEU A 139 5.48 11.69 18.15
CA LEU A 139 5.68 10.41 17.46
C LEU A 139 6.19 9.25 18.32
N ILE A 140 5.80 8.05 17.91
CA ILE A 140 6.35 6.80 18.45
C ILE A 140 6.57 5.84 17.28
N ILE A 141 7.79 5.35 17.14
CA ILE A 141 8.21 4.62 15.93
C ILE A 141 7.80 3.15 15.83
N ASP A 142 8.40 2.30 16.65
CA ASP A 142 8.05 0.87 16.64
C ASP A 142 7.17 0.50 17.82
N PRO A 143 5.85 0.56 17.62
CA PRO A 143 4.79 0.51 18.64
C PRO A 143 4.78 -0.74 19.52
N THR A 144 3.60 -1.32 19.67
CA THR A 144 3.39 -2.50 20.50
C THR A 144 2.06 -3.12 20.08
N ALA A 145 1.57 -4.09 20.84
CA ALA A 145 0.25 -4.64 20.60
C ALA A 145 -0.80 -3.64 21.03
N LYS A 146 -0.57 -3.02 22.18
CA LYS A 146 -1.48 -2.02 22.73
C LYS A 146 -1.28 -0.66 22.08
N GLN A 147 -0.02 -0.28 21.91
CA GLN A 147 0.33 1.02 21.31
C GLN A 147 -0.14 1.11 19.87
N GLU A 148 0.29 0.16 19.04
CA GLU A 148 -0.07 0.12 17.64
C GLU A 148 -1.59 0.07 17.46
N ALA A 149 -2.28 -0.35 18.51
CA ALA A 149 -3.73 -0.42 18.49
C ALA A 149 -4.35 0.99 18.51
N ALA A 150 -4.13 1.70 19.61
CA ALA A 150 -4.71 3.03 19.78
C ALA A 150 -4.00 4.09 18.94
N SER A 151 -3.29 3.62 17.92
CA SER A 151 -2.67 4.52 16.95
C SER A 151 -3.75 5.19 16.10
N THR A 152 -3.49 6.44 15.73
CA THR A 152 -4.43 7.22 14.92
C THR A 152 -3.76 8.50 14.42
N ARG A 154 -0.02 5.78 11.65
CA ARG A 154 -0.08 4.54 10.89
C ARG A 154 0.53 4.66 9.49
N VAL A 155 1.81 4.99 9.42
CA VAL A 155 2.57 4.87 8.17
C VAL A 155 3.42 3.62 8.22
N LEU A 156 3.79 3.13 7.04
CA LEU A 156 4.52 1.87 6.97
C LEU A 156 5.71 1.96 6.01
N PHE A 157 6.69 2.79 6.38
CA PHE A 157 7.87 2.97 5.54
C PHE A 157 8.50 1.65 5.13
N SER A 158 8.49 1.38 3.82
CA SER A 158 9.18 0.22 3.27
C SER A 158 10.16 0.71 2.21
N VAL A 159 11.39 0.22 2.26
CA VAL A 159 12.46 0.82 1.46
C VAL A 159 13.72 -0.06 1.31
N CYS A 160 14.44 0.13 0.20
CA CYS A 160 15.62 -0.66 -0.14
C CYS A 160 16.86 0.18 -0.49
N LYS A 161 17.96 -0.08 0.21
CA LYS A 161 19.19 0.72 0.13
C LYS A 161 19.60 1.20 -1.26
N GLY A 162 19.91 0.26 -2.15
CA GLY A 162 20.22 0.59 -3.53
C GLY A 162 21.68 0.89 -3.82
N SER A 163 21.91 2.01 -4.51
CA SER A 163 23.23 2.38 -5.00
C SER A 163 24.25 2.54 -3.89
N ASP A 164 23.99 3.47 -2.96
CA ASP A 164 24.91 3.73 -1.86
C ASP A 164 24.32 3.35 -0.52
N GLY A 165 24.87 3.90 0.56
CA GLY A 165 24.41 3.60 1.90
C GLY A 165 22.93 3.89 2.15
N HIS A 166 22.43 4.96 1.54
CA HIS A 166 21.07 5.43 1.79
C HIS A 166 20.04 4.32 1.59
N PRO A 167 18.84 4.49 2.17
CA PRO A 167 17.75 3.52 2.05
C PRO A 167 16.95 3.71 0.77
N GLU A 168 16.77 4.96 0.33
CA GLU A 168 15.97 5.26 -0.85
C GLU A 168 14.56 4.70 -0.67
N VAL A 169 13.67 5.51 -0.09
CA VAL A 169 12.30 5.06 0.20
C VAL A 169 11.63 4.49 -1.05
N CYS A 170 11.14 3.27 -0.95
CA CYS A 170 10.52 2.58 -2.10
C CYS A 170 9.01 2.54 -2.00
N ALA A 171 8.47 2.76 -0.80
CA ALA A 171 7.03 2.66 -0.60
C ALA A 171 6.56 3.24 0.71
N MET A 172 5.25 3.49 0.79
CA MET A 172 4.58 3.87 2.03
C MET A 172 3.09 3.57 1.90
N ASP A 173 2.42 3.42 3.03
CA ASP A 173 1.00 3.10 3.05
C ASP A 173 0.29 3.95 4.09
N ALA A 174 0.53 5.27 4.05
CA ALA A 174 -0.04 6.19 5.02
C ALA A 174 -1.56 6.10 5.08
N ILE A 175 -2.11 6.18 6.30
CA ILE A 175 -3.55 6.24 6.51
C ILE A 175 -3.87 7.22 7.63
N GLY A 176 -4.96 7.96 7.48
CA GLY A 176 -5.36 8.92 8.49
C GLY A 176 -5.22 10.37 8.04
N HIS A 177 -4.52 11.16 8.85
CA HIS A 177 -4.38 12.58 8.57
C HIS A 177 -3.02 13.11 9.01
N TRP A 178 -2.09 13.20 8.06
CA TRP A 178 -0.74 13.71 8.34
C TRP A 178 -0.37 14.78 7.35
N ASP A 179 -0.12 14.33 6.11
CA ASP A 179 0.49 15.15 5.07
C ASP A 179 1.93 15.44 5.45
N PHE A 180 2.48 16.54 4.95
CA PHE A 180 3.87 16.92 5.22
C PHE A 180 4.25 16.89 6.70
N ILE A 181 3.64 17.78 7.48
CA ILE A 181 4.01 17.93 8.89
C ILE A 181 4.25 16.61 9.60
N GLN A 182 3.32 15.68 9.47
CA GLN A 182 3.45 14.36 10.09
C GLN A 182 3.93 13.34 9.08
N LEU A 183 5.02 13.65 8.41
CA LEU A 183 5.61 12.76 7.42
C LEU A 183 7.03 13.24 7.12
N GLU A 184 7.18 14.56 7.04
CA GLU A 184 8.48 15.19 6.89
C GLU A 184 9.35 14.80 8.07
N ALA A 185 8.71 14.60 9.22
CA ALA A 185 9.39 14.17 10.43
C ALA A 185 9.20 12.66 10.64
N ALA A 186 8.74 11.99 9.59
CA ALA A 186 8.60 10.55 9.61
C ALA A 186 9.68 9.92 8.74
N TRP A 187 9.94 10.54 7.59
CA TRP A 187 11.06 10.16 6.74
C TRP A 187 12.33 10.23 7.56
N SER A 188 12.35 11.16 8.49
CA SER A 188 13.48 11.33 9.41
C SER A 188 13.70 10.04 10.22
N LEU A 189 12.83 9.73 11.15
CA LEU A 189 13.17 8.61 11.99
C LEU A 189 13.37 7.42 11.10
N ALA A 190 12.48 7.23 10.16
CA ALA A 190 12.57 6.04 9.33
C ALA A 190 13.94 5.93 8.67
N GLN A 191 14.80 6.91 8.94
CA GLN A 191 16.12 6.95 8.33
C GLN A 191 17.20 6.34 9.21
N PRO A 192 17.43 6.92 10.41
CA PRO A 192 18.51 6.41 11.27
C PRO A 192 18.21 4.99 11.75
N SER A 193 17.00 4.77 12.24
CA SER A 193 16.61 3.46 12.73
C SER A 193 16.55 2.44 11.59
N ALA A 194 16.67 2.93 10.37
CA ALA A 194 16.68 2.06 9.19
C ALA A 194 18.11 1.70 8.78
N SER A 195 18.95 2.71 8.59
CA SER A 195 20.35 2.47 8.30
C SER A 195 20.94 1.58 9.38
N ALA A 196 20.36 1.65 10.57
CA ALA A 196 20.78 0.82 11.70
C ALA A 196 20.42 -0.65 11.46
N ILE A 197 19.15 -0.91 11.18
CA ILE A 197 18.70 -2.28 10.95
C ILE A 197 19.42 -2.94 9.78
N PHE A 198 19.70 -2.17 8.73
CA PHE A 198 20.46 -2.68 7.60
C PHE A 198 21.71 -3.39 8.12
N ASP A 199 22.40 -2.75 9.05
CA ASP A 199 23.62 -3.30 9.63
C ASP A 199 23.40 -4.69 10.20
N PHE A 200 22.26 -4.89 10.86
CA PHE A 200 21.97 -6.20 11.46
C PHE A 200 21.97 -7.29 10.40
N TYR A 201 21.53 -6.95 9.20
CA TYR A 201 21.57 -7.89 8.08
C TYR A 201 23.02 -8.26 7.82
N LYS A 202 23.89 -7.25 7.78
CA LYS A 202 25.31 -7.50 7.68
C LYS A 202 25.79 -8.33 8.87
N THR A 203 25.18 -8.10 10.02
CA THR A 203 25.60 -8.80 11.24
C THR A 203 25.19 -10.27 11.18
N VAL A 204 24.16 -10.56 10.39
CA VAL A 204 23.68 -11.93 10.25
C VAL A 204 24.44 -12.66 9.14
N MET A 205 24.79 -11.92 8.10
CA MET A 205 25.60 -12.49 7.01
C MET A 205 26.98 -12.84 7.54
N LYS A 206 27.61 -11.87 8.21
CA LYS A 206 28.92 -12.09 8.80
C LYS A 206 28.89 -13.28 9.75
N ARG A 207 27.72 -13.53 10.34
CA ARG A 207 27.55 -14.65 11.25
C ARG A 207 27.94 -15.98 10.62
N LYS A 208 27.17 -16.40 9.62
CA LYS A 208 27.39 -17.70 9.00
C LYS A 208 28.39 -17.67 7.85
N LEU A 209 28.80 -16.47 7.43
CA LEU A 209 29.89 -16.35 6.48
C LEU A 209 31.19 -16.78 7.15
N SER A 210 31.10 -17.06 8.44
CA SER A 210 32.25 -17.54 9.21
C SER A 210 32.05 -18.99 9.61
N VAL A 211 30.95 -19.26 10.30
CA VAL A 211 30.66 -20.62 10.77
C VAL A 211 30.50 -21.59 9.61
N ASP A 212 30.30 -21.07 8.41
CA ASP A 212 30.16 -21.90 7.22
C ASP A 212 30.12 -21.03 5.96
N ALA B 2 -1.22 21.97 -14.77
CA ALA B 2 -1.46 20.66 -14.16
C ALA B 2 -2.37 19.84 -15.04
N GLY B 3 -2.30 18.51 -14.87
CA GLY B 3 -3.11 17.57 -15.62
C GLY B 3 -4.60 17.74 -15.32
N ARG B 4 -5.36 16.65 -15.45
CA ARG B 4 -6.79 16.72 -15.20
C ARG B 4 -7.39 15.34 -14.99
N LEU B 5 -8.69 15.32 -14.73
CA LEU B 5 -9.44 14.09 -14.54
C LEU B 5 -9.67 13.33 -15.85
N ARG B 6 -9.70 12.01 -15.78
CA ARG B 6 -10.10 11.22 -16.94
C ARG B 6 -11.60 11.40 -17.14
N GLU B 7 -12.03 11.47 -18.39
CA GLU B 7 -13.45 11.62 -18.69
C GLU B 7 -14.24 10.51 -18.02
N MET B 8 -15.35 10.86 -17.40
CA MET B 8 -16.10 9.91 -16.57
C MET B 8 -17.51 9.64 -17.08
N ARG B 9 -17.92 8.37 -16.96
CA ARG B 9 -19.27 7.95 -17.31
C ARG B 9 -19.54 6.59 -16.64
N CYS B 10 -20.81 6.28 -16.43
CA CYS B 10 -21.16 5.04 -15.74
C CYS B 10 -22.63 4.64 -15.93
N GLU B 11 -22.83 3.48 -16.55
CA GLU B 11 -24.17 2.90 -16.67
C GLU B 11 -24.51 2.18 -15.37
N LEU B 12 -25.81 2.09 -15.07
CA LEU B 12 -26.21 1.41 -13.85
C LEU B 12 -26.77 0.03 -14.15
N SER B 13 -27.14 -0.70 -13.11
CA SER B 13 -27.47 -2.11 -13.20
C SER B 13 -28.64 -2.45 -14.11
N PHE B 14 -28.69 -3.73 -14.49
CA PHE B 14 -29.80 -4.33 -15.21
C PHE B 14 -29.69 -5.83 -15.04
N LEU B 15 -29.49 -6.26 -13.80
CA LEU B 15 -29.21 -7.66 -13.49
C LEU B 15 -30.30 -8.27 -12.61
N LYS B 16 -30.40 -9.59 -12.64
CA LYS B 16 -31.38 -10.30 -11.83
C LYS B 16 -30.84 -11.66 -11.39
N ALA B 18 -27.81 -9.06 -7.50
CA ALA B 18 -27.56 -8.62 -6.12
C ALA B 18 -28.04 -7.20 -5.90
N ASP B 19 -28.16 -6.80 -4.64
CA ASP B 19 -28.61 -5.46 -4.29
C ASP B 19 -27.59 -4.41 -4.73
N GLY B 20 -26.32 -4.68 -4.45
CA GLY B 20 -25.24 -3.84 -4.95
C GLY B 20 -25.03 -4.15 -6.42
N SER B 21 -25.12 -3.13 -7.27
CA SER B 21 -25.07 -3.33 -8.71
C SER B 21 -24.73 -2.05 -9.46
N ALA B 22 -24.13 -2.21 -10.63
CA ALA B 22 -23.84 -1.09 -11.54
C ALA B 22 -22.75 -1.46 -12.54
N CYS B 23 -22.32 -0.47 -13.31
CA CYS B 23 -21.22 -0.63 -14.25
C CYS B 23 -20.48 0.68 -14.40
N PHE B 24 -19.23 0.71 -13.95
CA PHE B 24 -18.45 1.93 -13.92
C PHE B 24 -17.66 2.14 -15.21
N SER B 25 -18.39 2.24 -16.32
CA SER B 25 -17.77 2.40 -17.63
C SER B 25 -17.22 3.81 -17.84
N GLN B 26 -16.02 4.07 -17.31
CA GLN B 26 -15.45 5.41 -17.39
C GLN B 26 -13.95 5.39 -17.74
N GLY B 27 -13.54 6.39 -18.51
CA GLY B 27 -12.14 6.62 -18.80
C GLY B 27 -11.43 5.53 -19.57
N ALA B 28 -12.04 5.09 -20.68
CA ALA B 28 -11.44 4.08 -21.55
C ALA B 28 -11.18 2.76 -20.81
N THR B 29 -11.53 2.73 -19.53
CA THR B 29 -11.35 1.53 -18.72
C THR B 29 -12.68 1.13 -18.09
N CYS B 30 -13.64 0.80 -18.94
CA CYS B 30 -14.97 0.43 -18.49
C CYS B 30 -14.99 -0.91 -17.75
N ILE B 31 -15.20 -0.87 -16.44
CA ILE B 31 -15.32 -2.08 -15.65
C ILE B 31 -16.66 -2.10 -14.94
N TRP B 32 -17.15 -3.29 -14.61
CA TRP B 32 -18.41 -3.41 -13.89
C TRP B 32 -18.24 -4.08 -12.53
N ALA B 33 -19.05 -3.63 -11.57
CA ALA B 33 -19.00 -4.16 -10.21
C ALA B 33 -20.40 -4.50 -9.71
N SER B 34 -20.47 -5.09 -8.53
CA SER B 34 -21.74 -5.45 -7.92
C SER B 34 -21.52 -6.07 -6.55
N CYS B 35 -22.59 -6.11 -5.73
CA CYS B 35 -22.49 -6.65 -4.39
C CYS B 35 -23.88 -7.00 -3.85
N ASN B 60 -9.09 -10.04 -14.80
CA ASN B 60 -7.87 -9.24 -14.73
C ASN B 60 -7.38 -8.81 -16.11
N CYS B 61 -8.20 -8.01 -16.79
CA CYS B 61 -7.86 -7.54 -18.14
C CYS B 61 -7.11 -6.22 -18.10
N ILE B 73 -8.02 -4.03 -0.62
CA ILE B 73 -9.12 -3.99 0.34
C ILE B 73 -9.02 -2.81 1.31
N HIS B 74 -7.82 -2.59 1.85
CA HIS B 74 -7.60 -1.41 2.69
C HIS B 74 -8.03 -0.16 1.93
N SER B 75 -7.97 -0.25 0.61
CA SER B 75 -8.52 0.77 -0.28
C SER B 75 -10.05 0.70 -0.33
N THR B 76 -10.58 -0.51 -0.22
CA THR B 76 -12.02 -0.74 -0.38
C THR B 76 -12.87 -0.37 0.84
N LEU B 77 -12.31 -0.54 2.02
CA LEU B 77 -13.02 -0.25 3.25
C LEU B 77 -12.72 1.18 3.66
N SER B 78 -13.72 1.90 4.16
CA SER B 78 -13.51 3.25 4.66
C SER B 78 -14.20 3.49 6.00
N ASN B 79 -15.54 3.47 5.99
CA ASN B 79 -16.31 3.82 7.18
C ASN B 79 -17.48 2.87 7.45
N ALA B 80 -17.39 2.16 8.57
CA ALA B 80 -18.46 1.28 9.03
C ALA B 80 -19.27 2.01 10.10
N ILE B 81 -20.50 1.58 10.34
CA ILE B 81 -21.12 0.45 9.65
C ILE B 81 -21.49 0.78 8.21
N ASN B 82 -21.29 -0.15 7.29
CA ASN B 82 -20.71 -1.47 7.55
C ASN B 82 -20.24 -2.09 6.24
N LEU B 83 -19.29 -3.02 6.28
CA LEU B 83 -18.67 -3.48 7.53
C LEU B 83 -17.50 -2.58 7.90
N THR B 94 -15.24 -7.65 -4.61
CA THR B 94 -16.39 -8.13 -5.37
C THR B 94 -16.60 -7.30 -6.62
N VAL B 95 -15.53 -7.11 -7.39
CA VAL B 95 -15.57 -6.29 -8.59
C VAL B 95 -14.85 -6.95 -9.76
N HIS B 96 -15.23 -6.56 -10.98
CA HIS B 96 -14.59 -7.08 -12.18
C HIS B 96 -14.09 -5.93 -13.07
N GLY B 97 -12.98 -6.16 -13.74
CA GLY B 97 -12.44 -5.20 -14.68
C GLY B 97 -12.40 -5.77 -16.09
N ILE B 98 -13.26 -5.26 -16.96
CA ILE B 98 -13.39 -5.81 -18.31
C ILE B 98 -12.22 -5.41 -19.21
N GLN B 99 -11.65 -4.23 -18.95
CA GLN B 99 -10.56 -3.72 -19.77
C GLN B 99 -9.77 -2.65 -19.03
N ASP B 100 -8.44 -2.69 -19.18
CA ASP B 100 -7.58 -1.72 -18.52
C ASP B 100 -6.62 -1.02 -19.47
N ASP B 101 -6.66 0.31 -19.45
CA ASP B 101 -5.69 1.13 -20.16
C ASP B 101 -5.52 2.45 -19.41
N GLY B 102 -5.84 2.43 -18.12
CA GLY B 102 -5.77 3.63 -17.30
C GLY B 102 -5.64 3.36 -15.82
N SER B 103 -6.52 3.98 -15.04
CA SER B 103 -6.44 3.92 -13.58
C SER B 103 -6.51 2.52 -12.98
N MET B 104 -5.47 2.16 -12.23
CA MET B 104 -5.45 0.90 -11.51
C MET B 104 -6.56 0.88 -10.47
N GLY B 105 -6.53 1.86 -9.58
CA GLY B 105 -7.49 1.93 -8.48
C GLY B 105 -8.67 2.85 -8.74
N ALA B 106 -8.39 4.07 -9.19
CA ALA B 106 -9.44 5.06 -9.41
C ALA B 106 -10.71 4.42 -9.97
N VAL B 107 -10.57 3.60 -11.01
CA VAL B 107 -11.72 2.91 -11.58
C VAL B 107 -12.13 1.71 -10.73
N ALA B 108 -11.16 0.87 -10.39
CA ALA B 108 -11.43 -0.34 -9.61
C ALA B 108 -11.85 -0.02 -8.18
N ILE B 109 -11.90 1.25 -7.83
CA ILE B 109 -12.29 1.67 -6.49
C ILE B 109 -13.62 2.43 -6.53
N ASN B 110 -13.74 3.38 -7.44
CA ASN B 110 -15.00 4.10 -7.63
C ASN B 110 -16.12 3.12 -7.93
N GLY B 111 -15.81 2.12 -8.75
CA GLY B 111 -16.76 1.10 -9.12
C GLY B 111 -17.31 0.33 -7.93
N ALA B 112 -16.57 0.37 -6.82
CA ALA B 112 -16.98 -0.31 -5.61
C ALA B 112 -17.95 0.55 -4.82
N CYS B 113 -17.87 1.87 -5.00
CA CYS B 113 -18.74 2.77 -4.24
C CYS B 113 -20.14 2.81 -4.82
N PHE B 114 -20.23 3.15 -6.11
CA PHE B 114 -21.51 3.20 -6.80
C PHE B 114 -22.44 2.08 -6.35
N ALA B 115 -22.01 0.85 -6.62
CA ALA B 115 -22.81 -0.33 -6.34
C ALA B 115 -23.53 -0.27 -4.99
N LEU B 116 -22.78 0.03 -3.95
CA LEU B 116 -23.32 0.03 -2.59
C LEU B 116 -24.00 1.35 -2.21
N LEU B 117 -23.51 2.45 -2.76
CA LEU B 117 -24.18 3.73 -2.59
C LEU B 117 -25.61 3.59 -3.10
N ASP B 118 -25.74 3.01 -4.28
CA ASP B 118 -27.05 2.65 -4.82
C ASP B 118 -27.45 1.31 -4.21
N ASN B 119 -27.63 1.28 -2.89
CA ASN B 119 -27.94 0.03 -2.23
C ASN B 119 -28.34 0.17 -0.75
N GLY B 120 -29.22 1.13 -0.46
CA GLY B 120 -29.70 1.32 0.89
C GLY B 120 -28.65 1.91 1.82
N MET B 121 -27.38 1.65 1.51
CA MET B 121 -26.28 2.19 2.31
C MET B 121 -26.14 3.69 2.06
N PRO B 122 -26.11 4.47 3.14
CA PRO B 122 -26.06 5.94 3.11
C PRO B 122 -24.92 6.51 2.26
N PHE B 123 -24.92 7.83 2.11
CA PHE B 123 -23.93 8.52 1.29
C PHE B 123 -22.93 9.26 2.19
N GLU B 124 -23.01 9.02 3.50
CA GLU B 124 -22.09 9.64 4.44
C GLU B 124 -20.68 9.09 4.27
N THR B 125 -20.58 7.89 3.71
CA THR B 125 -19.33 7.15 3.72
C THR B 125 -18.56 7.22 2.42
N VAL B 126 -18.92 8.18 1.57
CA VAL B 126 -18.36 8.23 0.22
C VAL B 126 -16.86 8.40 0.17
N PHE B 127 -16.28 7.85 -0.90
CA PHE B 127 -14.85 7.95 -1.15
C PHE B 127 -14.65 8.16 -2.63
N CYS B 128 -13.49 8.66 -3.04
CA CYS B 128 -13.31 8.96 -4.46
C CYS B 128 -13.10 7.72 -5.34
N GLY B 129 -11.88 7.19 -5.45
CA GLY B 129 -10.67 7.72 -4.82
C GLY B 129 -9.59 7.83 -5.89
N VAL B 130 -9.15 9.06 -6.16
CA VAL B 130 -8.29 9.33 -7.31
C VAL B 130 -6.92 8.67 -7.22
N LEU B 131 -6.32 8.38 -8.37
CA LEU B 131 -4.92 8.00 -8.44
C LEU B 131 -4.18 9.05 -9.27
N ILE B 132 -2.97 9.40 -8.84
CA ILE B 132 -2.17 10.37 -9.57
C ILE B 132 -0.75 9.83 -9.79
N VAL B 133 -0.39 9.66 -11.06
CA VAL B 133 0.93 9.16 -11.41
C VAL B 133 1.89 10.30 -11.75
N ARG B 134 2.86 10.51 -10.88
CA ARG B 134 3.86 11.56 -11.08
C ARG B 134 4.90 11.13 -12.11
N VAL B 135 4.96 11.84 -13.23
CA VAL B 135 5.88 11.48 -14.31
C VAL B 135 6.86 12.60 -14.66
N LYS B 136 8.15 12.25 -14.76
CA LYS B 136 9.18 13.19 -15.14
C LYS B 136 9.07 14.46 -14.31
N ASP B 137 8.91 15.60 -15.00
CA ASP B 137 8.71 16.88 -14.34
C ASP B 137 7.22 17.14 -14.18
N GLU B 138 6.87 18.02 -13.25
CA GLU B 138 5.47 18.36 -13.02
C GLU B 138 4.61 17.13 -12.81
N LEU B 139 3.30 17.28 -13.01
CA LEU B 139 2.37 16.20 -12.72
C LEU B 139 1.19 16.09 -13.69
N ILE B 140 1.05 14.91 -14.29
CA ILE B 140 -0.11 14.56 -15.10
C ILE B 140 -1.15 13.86 -14.23
N ILE B 141 -2.42 14.16 -14.44
CA ILE B 141 -3.47 13.57 -13.60
C ILE B 141 -4.16 12.42 -14.33
N ASP B 142 -4.41 11.33 -13.61
CA ASP B 142 -5.02 10.12 -14.18
C ASP B 142 -4.00 9.40 -15.05
N PRO B 143 -4.26 8.13 -15.42
CA PRO B 143 -3.33 7.42 -16.31
C PRO B 143 -3.90 7.07 -17.69
N THR B 144 -3.07 6.41 -18.49
CA THR B 144 -3.45 5.85 -19.78
C THR B 144 -2.36 4.84 -20.16
N ALA B 145 -2.01 4.79 -21.45
CA ALA B 145 -0.80 4.10 -21.86
C ALA B 145 0.36 5.00 -21.45
N LYS B 146 0.02 6.22 -21.09
CA LYS B 146 0.99 7.19 -20.60
C LYS B 146 1.27 6.91 -19.13
N GLN B 147 0.82 5.74 -18.67
CA GLN B 147 0.96 5.37 -17.27
C GLN B 147 2.25 4.61 -16.98
N GLU B 148 2.66 3.73 -17.89
CA GLU B 148 3.88 2.95 -17.67
C GLU B 148 5.08 3.85 -17.47
N ALA B 149 5.13 4.96 -18.21
CA ALA B 149 6.17 5.95 -18.02
C ALA B 149 5.94 6.70 -16.71
N ALA B 150 5.16 6.11 -15.82
CA ALA B 150 4.80 6.73 -14.55
C ALA B 150 6.05 7.11 -13.77
N SER B 151 7.17 6.47 -14.10
CA SER B 151 8.37 6.61 -13.30
C SER B 151 7.98 6.42 -11.84
N THR B 152 7.58 7.50 -11.16
CA THR B 152 7.26 7.43 -9.73
C THR B 152 6.76 8.74 -9.12
N GLY B 153 5.45 8.89 -9.19
CA GLY B 153 4.62 7.88 -9.82
C GLY B 153 3.85 7.03 -8.83
N ARG B 154 2.54 6.92 -9.06
CA ARG B 154 1.74 5.88 -8.41
C ARG B 154 1.28 6.21 -6.97
N VAL B 155 0.90 7.47 -6.76
CA VAL B 155 0.29 7.85 -5.49
C VAL B 155 -1.23 7.94 -5.65
N LEU B 156 -1.95 7.00 -5.05
CA LEU B 156 -3.39 6.91 -5.23
C LEU B 156 -4.17 7.03 -3.94
N PHE B 157 -4.31 8.24 -3.43
CA PHE B 157 -5.09 8.46 -2.22
C PHE B 157 -6.48 7.88 -2.40
N SER B 158 -6.89 7.00 -1.48
CA SER B 158 -8.20 6.39 -1.54
C SER B 158 -9.26 7.32 -0.93
N VAL B 159 -9.03 8.61 -1.04
CA VAL B 159 -9.94 9.62 -0.47
C VAL B 159 -11.38 9.34 -0.85
N ASP B 164 -17.17 13.80 7.47
CA ASP B 164 -16.09 14.54 6.88
C ASP B 164 -16.06 14.31 5.37
N GLY B 165 -17.13 13.73 4.84
CA GLY B 165 -17.23 13.43 3.43
C GLY B 165 -17.54 14.66 2.61
N HIS B 166 -16.68 15.66 2.70
CA HIS B 166 -16.83 16.89 1.95
C HIS B 166 -15.61 17.11 1.05
N PRO B 167 -14.41 17.17 1.64
CA PRO B 167 -13.26 17.40 0.78
C PRO B 167 -12.16 16.36 0.92
N GLU B 168 -11.59 16.26 2.12
CA GLU B 168 -10.25 15.71 2.32
C GLU B 168 -10.05 14.19 2.24
N VAL B 169 -8.86 13.77 2.64
CA VAL B 169 -8.38 12.40 2.46
C VAL B 169 -8.84 11.44 3.56
N CYS B 170 -8.85 10.15 3.23
CA CYS B 170 -9.14 9.11 4.20
C CYS B 170 -7.99 8.12 4.27
N ALA B 171 -7.38 7.85 3.12
CA ALA B 171 -6.23 6.94 3.03
C ALA B 171 -5.45 7.17 1.74
N MET B 172 -4.30 6.50 1.61
CA MET B 172 -3.49 6.64 0.40
C MET B 172 -2.45 5.53 0.27
N ASP B 173 -1.57 5.68 -0.73
CA ASP B 173 -0.49 4.73 -0.98
C ASP B 173 0.51 5.32 -1.95
N ALA B 174 1.79 5.15 -1.66
CA ALA B 174 2.86 5.66 -2.52
C ALA B 174 3.81 4.55 -2.93
N ILE B 175 4.19 4.54 -4.21
CA ILE B 175 5.09 3.52 -4.75
C ILE B 175 6.11 4.15 -5.70
N GLY B 176 7.37 4.15 -5.29
CA GLY B 176 8.43 4.71 -6.11
C GLY B 176 9.55 5.34 -5.31
N HIS B 177 10.72 5.45 -5.93
CA HIS B 177 11.90 5.98 -5.29
C HIS B 177 11.91 7.51 -5.24
N TRP B 178 10.93 8.10 -4.55
CA TRP B 178 10.84 9.55 -4.53
C TRP B 178 10.63 10.20 -3.16
N ASP B 179 10.96 11.49 -3.10
CA ASP B 179 10.96 12.26 -1.87
C ASP B 179 9.58 12.72 -1.45
N PHE B 180 9.54 13.50 -0.38
CA PHE B 180 8.30 14.00 0.19
C PHE B 180 7.88 15.31 -0.46
N ILE B 181 8.86 16.09 -0.90
CA ILE B 181 8.59 17.37 -1.54
C ILE B 181 7.53 17.24 -2.63
N GLN B 182 7.41 16.04 -3.19
CA GLN B 182 6.46 15.78 -4.27
C GLN B 182 5.07 15.46 -3.76
N LEU B 183 4.99 14.53 -2.81
CA LEU B 183 3.70 14.08 -2.27
C LEU B 183 2.79 15.25 -1.87
N GLU B 184 3.39 16.35 -1.44
CA GLU B 184 2.63 17.53 -1.06
C GLU B 184 1.90 18.15 -2.24
N ALA B 185 2.57 18.14 -3.40
CA ALA B 185 1.97 18.66 -4.62
C ALA B 185 0.72 17.86 -4.97
N ALA B 186 0.57 16.71 -4.34
CA ALA B 186 -0.57 15.85 -4.56
C ALA B 186 -1.61 15.99 -3.45
N TRP B 187 -1.21 16.64 -2.36
CA TRP B 187 -2.15 16.98 -1.29
C TRP B 187 -3.18 17.96 -1.85
N SER B 188 -2.71 18.84 -2.73
CA SER B 188 -3.59 19.74 -3.47
C SER B 188 -3.80 19.19 -4.87
N LEU B 189 -4.68 19.84 -5.63
CA LEU B 189 -5.00 19.46 -7.01
C LEU B 189 -5.60 18.05 -7.15
N ALA B 190 -5.20 17.14 -6.27
CA ALA B 190 -5.72 15.77 -6.32
C ALA B 190 -7.13 15.69 -5.76
N GLN B 191 -7.29 16.10 -4.50
CA GLN B 191 -8.60 16.06 -3.85
C GLN B 191 -9.62 17.04 -4.47
N PRO B 192 -9.14 18.12 -5.12
CA PRO B 192 -10.09 18.94 -5.87
C PRO B 192 -10.75 18.14 -6.98
N SER B 193 -9.95 17.46 -7.79
CA SER B 193 -10.48 16.55 -8.79
C SER B 193 -11.36 15.53 -8.08
N ALA B 194 -10.97 15.18 -6.87
CA ALA B 194 -11.75 14.28 -6.04
C ALA B 194 -13.13 14.88 -5.74
N SER B 195 -13.16 16.18 -5.46
CA SER B 195 -14.42 16.86 -5.22
C SER B 195 -15.33 16.71 -6.43
N ALA B 196 -14.75 16.92 -7.61
CA ALA B 196 -15.49 16.82 -8.87
C ALA B 196 -16.27 15.50 -9.03
N ILE B 197 -15.63 14.39 -8.69
CA ILE B 197 -16.26 13.07 -8.83
C ILE B 197 -17.38 12.81 -7.81
N PHE B 198 -17.23 13.37 -6.61
CA PHE B 198 -18.29 13.29 -5.61
C PHE B 198 -19.55 13.97 -6.15
N ASP B 199 -19.34 14.95 -7.03
CA ASP B 199 -20.43 15.70 -7.65
C ASP B 199 -21.10 14.83 -8.70
N PHE B 200 -20.28 14.21 -9.55
CA PHE B 200 -20.78 13.21 -10.47
C PHE B 200 -21.57 12.19 -9.64
N TYR B 201 -20.92 11.59 -8.66
CA TYR B 201 -21.60 10.74 -7.68
C TYR B 201 -23.04 11.17 -7.54
N LYS B 202 -23.22 12.33 -6.92
CA LYS B 202 -24.53 12.89 -6.66
C LYS B 202 -25.39 12.86 -7.91
N THR B 203 -24.78 13.24 -9.03
CA THR B 203 -25.47 13.39 -10.31
C THR B 203 -25.89 12.04 -10.93
N VAL B 204 -24.95 11.09 -11.05
CA VAL B 204 -25.35 9.71 -11.35
C VAL B 204 -26.46 9.31 -10.40
N MET B 205 -26.17 9.42 -9.12
CA MET B 205 -27.22 9.14 -8.16
C MET B 205 -28.22 10.33 -8.03
N LYS B 206 -28.37 11.09 -9.11
CA LYS B 206 -29.37 12.17 -9.17
C LYS B 206 -30.42 11.81 -10.24
N ARG B 207 -30.15 10.70 -10.94
CA ARG B 207 -30.96 10.22 -12.07
C ARG B 207 -31.64 8.91 -11.68
N LYS B 208 -30.90 8.08 -10.95
CA LYS B 208 -31.40 6.77 -10.55
C LYS B 208 -32.55 6.84 -9.53
N LEU B 209 -32.41 7.70 -8.53
CA LEU B 209 -33.50 7.96 -7.58
C LEU B 209 -34.73 8.54 -8.26
N SER B 210 -34.52 9.32 -9.31
CA SER B 210 -35.65 9.90 -10.01
C SER B 210 -35.52 9.64 -11.49
N VAL B 211 -36.18 8.59 -11.95
CA VAL B 211 -36.18 8.22 -13.35
C VAL B 211 -37.62 8.03 -13.74
#